data_2C9E
#
_entry.id   2C9E
#
_cell.length_a   46.576
_cell.length_b   62.673
_cell.length_c   63.345
_cell.angle_alpha   90.00
_cell.angle_beta   100.89
_cell.angle_gamma   90.00
#
_symmetry.space_group_name_H-M   'P 1 21 1'
#
loop_
_entity.id
_entity.type
_entity.pdbx_description
1 polymer 'PERIDININ-CHLOROPHYLL A PROTEIN'
2 non-polymer 'CHLOROPHYLL A'
3 non-polymer PERIDININ
4 non-polymer 'DIGALACTOSYL DIACYL GLYCEROL (DGDG)'
5 non-polymer 'MAGNESIUM ION'
6 water water
#
_entity_poly.entity_id   1
_entity_poly.type   'polypeptide(L)'
_entity_poly.pdbx_seq_one_letter_code
;DAIADASKRFSDATYPIAEKFDWGGSSAIAKYIADASAGNPRQAALAVEKLLEVGLTMDPKLVRAAVEAHSKALDSAKKN
AKLMASKEDFAAVNEALARMIASADKQKFAALRTAFPESRELQGKLFAGNNAFEAEKAYDSFKALTSAVRDASINGAKAP
VIAEAARAERYVGDGPVGRAAKKFSEATYPIMDKLDWGKSPEISKYIETASAKNPKMMADGIDKTLEVALTMNQNAINDA
VFAHVRAIKGALNTPGLVAERDDFARVNLALAKMIATADPAKFKALLTAFPGNADLQMALFAANNPEQAKAAYETFVALT
SAVASST
;
_entity_poly.pdbx_strand_id   A
#
loop_
_chem_comp.id
_chem_comp.type
_chem_comp.name
_chem_comp.formula
CLA non-polymer 'CHLOROPHYLL A' 'C55 H72 Mg N4 O5'
DGD saccharide 'DIGALACTOSYL DIACYL GLYCEROL (DGDG)' 'C51 H96 O15'
MG non-polymer 'MAGNESIUM ION' 'Mg 2'
PID non-polymer PERIDININ 'C39 H50 O7'
#
# COMPACT_ATOMS: atom_id res chain seq x y z
N ASP A 1 27.23 0.32 11.92
CA ASP A 1 26.88 1.59 12.60
C ASP A 1 25.74 1.42 13.60
N ALA A 2 25.40 2.50 14.29
CA ALA A 2 24.32 2.47 15.27
C ALA A 2 23.01 1.78 14.79
N ILE A 3 22.57 2.14 13.58
CA ILE A 3 21.33 1.59 13.01
C ILE A 3 21.47 0.11 12.78
N ALA A 4 22.56 -0.24 12.10
CA ALA A 4 22.84 -1.64 11.81
C ALA A 4 22.82 -2.49 13.09
N ASP A 5 23.48 -2.02 14.14
CA ASP A 5 23.50 -2.83 15.34
C ASP A 5 22.12 -2.86 16.02
N ALA A 6 21.44 -1.72 16.09
CA ALA A 6 20.14 -1.71 16.76
C ALA A 6 19.14 -2.58 15.96
N SER A 7 19.18 -2.46 14.64
CA SER A 7 18.31 -3.21 13.79
C SER A 7 18.59 -4.71 14.02
N LYS A 8 19.86 -5.03 14.20
CA LYS A 8 20.22 -6.41 14.41
C LYS A 8 19.56 -6.87 15.69
N ARG A 9 19.67 -6.04 16.72
CA ARG A 9 19.07 -6.43 17.98
C ARG A 9 17.54 -6.53 17.83
N PHE A 10 16.94 -5.59 17.12
CA PHE A 10 15.49 -5.64 16.95
C PHE A 10 15.09 -6.92 16.23
N SER A 11 15.82 -7.24 15.18
CA SER A 11 15.56 -8.45 14.39
C SER A 11 15.61 -9.69 15.25
N ASP A 12 16.64 -9.78 16.06
CA ASP A 12 16.79 -10.91 16.97
C ASP A 12 15.59 -11.02 17.91
N ALA A 13 15.16 -9.88 18.44
CA ALA A 13 14.08 -9.90 19.39
C ALA A 13 12.71 -10.25 18.81
N THR A 14 12.52 -9.95 17.52
CA THR A 14 11.22 -10.12 16.90
C THR A 14 10.96 -11.35 16.05
N TYR A 15 12.04 -11.90 15.49
CA TYR A 15 11.94 -13.06 14.63
C TYR A 15 11.14 -14.17 15.29
N PRO A 16 11.44 -14.51 16.56
CA PRO A 16 10.68 -15.61 17.21
C PRO A 16 9.19 -15.30 17.38
N ILE A 17 8.86 -14.02 17.55
CA ILE A 17 7.45 -13.64 17.67
C ILE A 17 6.83 -13.75 16.27
N ALA A 18 7.57 -13.27 15.26
CA ALA A 18 7.13 -13.36 13.87
C ALA A 18 6.79 -14.82 13.46
N GLU A 19 7.64 -15.76 13.88
CA GLU A 19 7.43 -17.19 13.60
C GLU A 19 6.12 -17.73 14.15
N LYS A 20 5.55 -17.11 15.16
CA LYS A 20 4.32 -17.61 15.68
C LYS A 20 3.09 -16.85 15.13
N PHE A 21 3.33 -15.85 14.28
CA PHE A 21 2.24 -15.03 13.78
C PHE A 21 1.59 -15.54 12.51
N ASP A 22 0.26 -15.38 12.47
CA ASP A 22 -0.48 -15.87 11.33
C ASP A 22 -0.48 -14.86 10.20
N TRP A 23 0.65 -14.78 9.53
CA TRP A 23 0.79 -13.89 8.40
C TRP A 23 -0.21 -14.09 7.30
N GLY A 24 -0.55 -15.35 7.01
CA GLY A 24 -1.45 -15.59 5.93
C GLY A 24 -2.94 -15.66 6.20
N GLY A 25 -3.36 -15.74 7.46
CA GLY A 25 -4.78 -15.88 7.74
C GLY A 25 -5.53 -14.60 8.01
N SER A 26 -6.78 -14.76 8.49
CA SER A 26 -7.58 -13.57 8.79
C SER A 26 -7.24 -13.17 10.18
N SER A 27 -6.07 -12.61 10.39
CA SER A 27 -5.66 -12.20 11.71
C SER A 27 -6.44 -10.98 12.22
N ALA A 28 -5.99 -10.42 13.32
CA ALA A 28 -6.61 -9.25 13.87
C ALA A 28 -6.30 -8.10 12.89
N ILE A 29 -5.19 -8.21 12.16
CA ILE A 29 -4.83 -7.16 11.20
C ILE A 29 -5.77 -7.20 10.00
N ALA A 30 -6.00 -8.38 9.42
CA ALA A 30 -6.89 -8.50 8.25
C ALA A 30 -8.25 -7.89 8.58
N LYS A 31 -8.75 -8.19 9.77
CA LYS A 31 -10.08 -7.70 10.18
C LYS A 31 -10.03 -6.24 10.52
N TYR A 32 -8.92 -5.77 11.11
CA TYR A 32 -8.86 -4.34 11.39
C TYR A 32 -8.86 -3.52 10.08
N ILE A 33 -8.06 -3.90 9.09
CA ILE A 33 -8.03 -3.13 7.83
C ILE A 33 -9.40 -3.16 7.15
N ALA A 34 -10.02 -4.34 7.12
CA ALA A 34 -11.33 -4.55 6.55
C ALA A 34 -12.39 -3.66 7.16
N ASP A 35 -12.36 -3.48 8.49
CA ASP A 35 -13.37 -2.66 9.12
C ASP A 35 -12.94 -1.29 9.61
N ALA A 36 -11.67 -0.93 9.43
CA ALA A 36 -11.21 0.34 9.97
C ALA A 36 -12.03 1.60 9.62
N SER A 37 -12.45 1.77 8.38
CA SER A 37 -13.20 2.96 8.08
C SER A 37 -14.65 2.90 8.55
N ALA A 38 -15.17 1.71 8.86
CA ALA A 38 -16.54 1.57 9.36
C ALA A 38 -16.79 2.48 10.55
N GLY A 39 -15.83 2.50 11.47
CA GLY A 39 -15.96 3.37 12.61
C GLY A 39 -15.90 4.85 12.21
N ASN A 40 -14.71 5.35 11.87
CA ASN A 40 -14.56 6.74 11.48
C ASN A 40 -13.98 6.78 10.06
N PRO A 41 -14.82 6.84 9.04
CA PRO A 41 -14.37 6.88 7.65
C PRO A 41 -13.51 8.08 7.33
N ARG A 42 -13.85 9.24 7.87
CA ARG A 42 -13.05 10.43 7.58
C ARG A 42 -11.63 10.33 8.15
N GLN A 43 -11.52 9.78 9.36
CA GLN A 43 -10.24 9.64 10.01
C GLN A 43 -9.38 8.64 9.22
N ALA A 44 -10.00 7.56 8.76
CA ALA A 44 -9.29 6.55 7.96
C ALA A 44 -8.79 7.16 6.66
N ALA A 45 -9.62 7.96 6.01
CA ALA A 45 -9.19 8.57 4.72
C ALA A 45 -8.06 9.60 4.93
N LEU A 46 -8.16 10.40 6.00
CA LEU A 46 -7.10 11.37 6.32
C LEU A 46 -5.81 10.61 6.66
N ALA A 47 -5.93 9.49 7.37
CA ALA A 47 -4.73 8.72 7.71
C ALA A 47 -4.01 8.26 6.46
N VAL A 48 -4.77 7.82 5.48
CA VAL A 48 -4.14 7.35 4.24
C VAL A 48 -3.43 8.52 3.56
N GLU A 49 -4.08 9.69 3.59
CA GLU A 49 -3.49 10.87 3.03
C GLU A 49 -2.14 11.17 3.76
N LYS A 50 -2.09 11.00 5.06
CA LYS A 50 -0.84 11.28 5.79
C LYS A 50 0.19 10.21 5.46
N LEU A 51 -0.27 8.99 5.33
CA LEU A 51 0.67 7.91 4.99
C LEU A 51 1.44 8.19 3.64
N LEU A 52 0.69 8.62 2.65
CA LEU A 52 1.25 8.92 1.34
C LEU A 52 2.14 10.15 1.43
N GLU A 53 1.68 11.18 2.17
CA GLU A 53 2.53 12.39 2.33
C GLU A 53 3.88 11.98 2.97
N VAL A 54 3.86 11.15 4.01
CA VAL A 54 5.13 10.76 4.64
C VAL A 54 6.00 10.04 3.63
N GLY A 55 5.37 9.19 2.84
CA GLY A 55 6.12 8.43 1.85
C GLY A 55 6.78 9.40 0.88
N LEU A 56 6.14 10.56 0.70
CA LEU A 56 6.64 11.56 -0.24
C LEU A 56 7.78 12.38 0.34
N THR A 57 8.14 12.16 1.59
CA THR A 57 9.25 12.91 2.18
C THR A 57 10.53 12.06 2.19
N MET A 58 10.40 10.78 1.89
CA MET A 58 11.51 9.82 1.90
C MET A 58 12.42 9.88 0.68
N ASP A 59 13.63 9.36 0.86
CA ASP A 59 14.63 9.29 -0.18
C ASP A 59 14.22 8.14 -1.14
N PRO A 60 13.84 8.47 -2.38
CA PRO A 60 13.45 7.38 -3.28
C PRO A 60 14.43 6.20 -3.37
N LYS A 61 15.73 6.47 -3.28
CA LYS A 61 16.70 5.37 -3.36
C LYS A 61 16.48 4.36 -2.24
N LEU A 62 16.20 4.88 -1.05
CA LEU A 62 15.97 4.03 0.12
C LEU A 62 14.57 3.37 0.10
N VAL A 63 13.60 4.01 -0.55
CA VAL A 63 12.23 3.47 -0.69
C VAL A 63 12.37 2.24 -1.57
N ARG A 64 13.15 2.42 -2.63
CA ARG A 64 13.35 1.36 -3.57
C ARG A 64 14.06 0.18 -2.93
N ALA A 65 15.13 0.46 -2.19
CA ALA A 65 15.84 -0.64 -1.52
C ALA A 65 14.90 -1.39 -0.53
N ALA A 66 14.12 -0.63 0.24
CA ALA A 66 13.16 -1.20 1.21
C ALA A 66 12.14 -2.14 0.55
N VAL A 67 11.62 -1.74 -0.60
CA VAL A 67 10.68 -2.55 -1.37
C VAL A 67 11.45 -3.77 -1.92
N GLU A 68 12.66 -3.55 -2.44
CA GLU A 68 13.47 -4.67 -2.98
C GLU A 68 13.64 -5.71 -1.87
N ALA A 69 13.97 -5.25 -0.65
CA ALA A 69 14.16 -6.14 0.49
C ALA A 69 12.92 -6.99 0.81
N HIS A 70 11.73 -6.40 0.67
CA HIS A 70 10.50 -7.14 0.94
C HIS A 70 10.34 -8.15 -0.15
N SER A 71 10.62 -7.75 -1.38
CA SER A 71 10.47 -8.69 -2.48
C SER A 71 11.44 -9.85 -2.31
N LYS A 72 12.65 -9.56 -1.88
CA LYS A 72 13.56 -10.65 -1.70
C LYS A 72 13.11 -11.53 -0.55
N ALA A 73 12.51 -10.94 0.47
CA ALA A 73 12.13 -11.77 1.59
C ALA A 73 10.94 -12.64 1.23
N LEU A 74 10.09 -12.14 0.34
CA LEU A 74 8.91 -12.92 -0.08
C LEU A 74 9.39 -14.19 -0.83
N ASP A 75 10.46 -14.05 -1.62
CA ASP A 75 11.03 -15.20 -2.32
C ASP A 75 11.21 -16.41 -1.37
N SER A 76 11.64 -16.17 -0.12
CA SER A 76 11.81 -17.28 0.82
C SER A 76 10.54 -17.61 1.62
N ALA A 77 9.71 -16.59 1.86
CA ALA A 77 8.51 -16.79 2.64
C ALA A 77 7.46 -17.56 1.91
N LYS A 78 7.27 -17.23 0.65
CA LYS A 78 6.19 -17.83 -0.10
C LYS A 78 6.33 -19.27 -0.46
N LYS A 79 7.39 -19.92 0.05
CA LYS A 79 7.62 -21.33 -0.21
C LYS A 79 7.10 -22.19 0.98
N ASN A 80 7.05 -21.64 2.19
CA ASN A 80 6.54 -22.38 3.35
C ASN A 80 5.10 -21.95 3.71
N ALA A 81 4.36 -22.86 4.33
CA ALA A 81 2.96 -22.61 4.64
C ALA A 81 2.69 -21.41 5.56
N LYS A 82 3.66 -21.12 6.43
CA LYS A 82 3.61 -20.00 7.39
C LYS A 82 4.01 -18.65 6.74
N LEU A 83 4.41 -18.65 5.47
CA LEU A 83 4.86 -17.40 4.81
C LEU A 83 5.94 -16.72 5.65
N MET A 84 6.82 -17.53 6.23
CA MET A 84 7.84 -17.01 7.11
C MET A 84 9.19 -16.83 6.41
N ALA A 85 9.66 -15.59 6.36
CA ALA A 85 10.95 -15.32 5.69
C ALA A 85 12.09 -15.92 6.48
N SER A 86 13.27 -15.90 5.86
CA SER A 86 14.51 -16.42 6.48
C SER A 86 15.00 -15.39 7.52
N LYS A 87 15.78 -15.81 8.52
CA LYS A 87 16.27 -14.86 9.53
C LYS A 87 17.10 -13.80 8.78
N GLU A 88 17.78 -14.25 7.73
CA GLU A 88 18.61 -13.40 6.92
C GLU A 88 17.76 -12.36 6.18
N ASP A 89 16.75 -12.80 5.44
CA ASP A 89 15.89 -11.87 4.68
C ASP A 89 15.11 -10.94 5.62
N PHE A 90 14.68 -11.50 6.75
CA PHE A 90 13.96 -10.77 7.79
C PHE A 90 14.78 -9.63 8.32
N ALA A 91 15.98 -9.95 8.80
CA ALA A 91 16.88 -8.92 9.34
C ALA A 91 17.17 -7.86 8.28
N ALA A 92 17.29 -8.25 7.01
CA ALA A 92 17.56 -7.27 5.93
C ALA A 92 16.34 -6.36 5.67
N VAL A 93 15.13 -6.88 5.88
CA VAL A 93 13.96 -6.04 5.66
C VAL A 93 13.96 -4.93 6.72
N ASN A 94 14.30 -5.27 7.96
CA ASN A 94 14.29 -4.29 9.01
C ASN A 94 15.37 -3.25 8.89
N GLU A 95 16.53 -3.64 8.39
CA GLU A 95 17.60 -2.65 8.28
C GLU A 95 17.30 -1.71 7.14
N ALA A 96 16.78 -2.24 6.03
CA ALA A 96 16.41 -1.38 4.92
C ALA A 96 15.31 -0.37 5.39
N LEU A 97 14.28 -0.87 6.08
CA LEU A 97 13.22 0.05 6.59
C LEU A 97 13.80 1.06 7.57
N ALA A 98 14.77 0.65 8.38
CA ALA A 98 15.29 1.60 9.34
C ALA A 98 15.96 2.73 8.60
N ARG A 99 16.68 2.39 7.54
CA ARG A 99 17.37 3.40 6.75
C ARG A 99 16.36 4.25 5.97
N MET A 100 15.31 3.63 5.46
CA MET A 100 14.35 4.41 4.74
C MET A 100 13.65 5.36 5.72
N ILE A 101 13.38 4.92 6.94
CA ILE A 101 12.69 5.81 7.88
C ILE A 101 13.61 6.97 8.34
N ALA A 102 14.90 6.71 8.31
CA ALA A 102 15.86 7.75 8.69
C ALA A 102 15.80 8.92 7.69
N SER A 103 15.35 8.65 6.47
CA SER A 103 15.26 9.75 5.50
C SER A 103 13.92 10.48 5.55
N ALA A 104 12.99 10.02 6.36
CA ALA A 104 11.68 10.63 6.38
C ALA A 104 11.56 11.88 7.25
N ASP A 105 10.57 12.71 6.92
CA ASP A 105 10.32 13.90 7.72
C ASP A 105 9.94 13.30 9.07
N LYS A 106 10.66 13.65 10.13
CA LYS A 106 10.42 13.05 11.45
C LYS A 106 9.08 13.25 12.08
N GLN A 107 8.57 14.49 12.04
CA GLN A 107 7.28 14.76 12.67
C GLN A 107 6.14 14.06 11.94
N LYS A 108 6.17 14.12 10.62
CA LYS A 108 5.11 13.46 9.83
C LYS A 108 5.15 11.94 10.04
N PHE A 109 6.36 11.39 10.11
CA PHE A 109 6.45 9.98 10.31
C PHE A 109 5.94 9.57 11.66
N ALA A 110 6.41 10.25 12.70
CA ALA A 110 5.98 9.91 14.07
C ALA A 110 4.47 10.10 14.24
N ALA A 111 3.89 10.97 13.43
CA ALA A 111 2.46 11.17 13.57
C ALA A 111 1.61 10.00 13.05
N LEU A 112 2.18 9.09 12.27
CA LEU A 112 1.36 7.97 11.81
C LEU A 112 0.92 7.05 12.92
N ARG A 113 1.59 7.12 14.07
CA ARG A 113 1.26 6.27 15.22
C ARG A 113 -0.18 6.44 15.70
N THR A 114 -0.67 7.68 15.67
CA THR A 114 -2.02 7.99 16.15
C THR A 114 -2.96 8.39 15.02
N ALA A 115 -2.55 8.23 13.78
CA ALA A 115 -3.42 8.63 12.68
C ALA A 115 -4.57 7.70 12.31
N PHE A 116 -4.35 6.40 12.33
CA PHE A 116 -5.43 5.47 11.96
C PHE A 116 -6.45 5.21 13.06
N PRO A 117 -7.74 5.12 12.73
CA PRO A 117 -8.74 4.86 13.78
C PRO A 117 -8.64 3.55 14.54
N GLU A 118 -8.77 3.67 15.85
CA GLU A 118 -8.75 2.55 16.76
C GLU A 118 -7.55 1.62 16.62
N SER A 119 -6.40 2.19 16.36
CA SER A 119 -5.22 1.35 16.22
C SER A 119 -4.82 0.82 17.61
N ARG A 120 -5.39 1.38 18.69
CA ARG A 120 -5.12 0.92 20.06
C ARG A 120 -5.78 -0.41 20.41
N GLU A 121 -7.00 -0.62 19.95
CA GLU A 121 -7.70 -1.87 20.21
C GLU A 121 -7.00 -2.98 19.39
N LEU A 122 -6.41 -2.62 18.25
CA LEU A 122 -5.73 -3.62 17.46
C LEU A 122 -4.46 -4.01 18.16
N GLN A 123 -3.71 -3.02 18.59
CA GLN A 123 -2.46 -3.33 19.25
C GLN A 123 -2.73 -4.21 20.49
N GLY A 124 -3.77 -3.89 21.26
CA GLY A 124 -4.08 -4.73 22.39
C GLY A 124 -4.38 -6.17 21.96
N LYS A 125 -5.09 -6.39 20.86
CA LYS A 125 -5.37 -7.74 20.40
C LYS A 125 -4.08 -8.44 19.96
N LEU A 126 -3.15 -7.70 19.36
CA LEU A 126 -1.92 -8.33 18.88
C LEU A 126 -1.08 -8.79 20.09
N PHE A 127 -1.02 -7.92 21.10
CA PHE A 127 -0.29 -8.26 22.30
C PHE A 127 -0.92 -9.51 22.95
N ALA A 128 -2.25 -9.54 23.06
CA ALA A 128 -2.89 -10.67 23.68
C ALA A 128 -2.55 -12.00 23.00
N GLY A 129 -2.18 -11.95 21.73
CA GLY A 129 -1.83 -13.17 21.03
C GLY A 129 -0.34 -13.47 21.08
N ASN A 130 0.43 -12.64 21.75
CA ASN A 130 1.86 -12.90 21.86
C ASN A 130 2.20 -13.27 23.31
N ASN A 131 3.43 -13.74 23.51
CA ASN A 131 3.85 -14.02 24.86
C ASN A 131 4.17 -12.65 25.39
N ALA A 132 3.58 -12.27 26.51
CA ALA A 132 3.82 -10.93 27.03
C ALA A 132 5.26 -10.53 27.32
N PHE A 133 6.04 -11.40 27.97
CA PHE A 133 7.43 -11.06 28.30
C PHE A 133 8.20 -10.90 26.97
N GLU A 134 7.87 -11.76 26.04
CA GLU A 134 8.54 -11.71 24.75
C GLU A 134 8.26 -10.37 24.07
N ALA A 135 7.00 -9.99 23.88
CA ALA A 135 6.67 -8.72 23.21
C ALA A 135 7.31 -7.51 23.98
N GLU A 136 7.33 -7.56 25.32
CA GLU A 136 7.89 -6.44 26.07
C GLU A 136 9.36 -6.23 25.75
N LYS A 137 10.09 -7.33 25.70
CA LYS A 137 11.49 -7.33 25.36
C LYS A 137 11.65 -6.81 23.91
N ALA A 138 10.80 -7.26 23.01
CA ALA A 138 10.83 -6.77 21.63
C ALA A 138 10.60 -5.23 21.58
N TYR A 139 9.63 -4.74 22.33
CA TYR A 139 9.33 -3.31 22.34
C TYR A 139 10.51 -2.51 22.88
N ASP A 140 11.17 -3.01 23.91
CA ASP A 140 12.31 -2.23 24.36
C ASP A 140 13.39 -2.16 23.29
N SER A 141 13.55 -3.24 22.51
CA SER A 141 14.54 -3.23 21.44
C SER A 141 14.05 -2.35 20.27
N PHE A 142 12.72 -2.27 20.09
CA PHE A 142 12.14 -1.37 19.05
C PHE A 142 12.48 0.12 19.43
N LYS A 143 12.31 0.47 20.70
CA LYS A 143 12.63 1.81 21.13
C LYS A 143 14.08 2.14 20.85
N ALA A 144 15.00 1.22 21.16
CA ALA A 144 16.41 1.51 20.92
C ALA A 144 16.66 1.72 19.43
N LEU A 145 15.97 0.98 18.60
CA LEU A 145 16.11 1.17 17.14
C LEU A 145 15.57 2.58 16.73
N THR A 146 14.44 2.99 17.29
CA THR A 146 13.90 4.27 16.88
C THR A 146 14.89 5.38 17.22
N SER A 147 15.62 5.24 18.33
CA SER A 147 16.60 6.26 18.71
C SER A 147 17.80 6.28 17.78
N ALA A 148 18.22 5.10 17.33
CA ALA A 148 19.37 5.03 16.43
C ALA A 148 18.95 5.72 15.16
N VAL A 149 17.75 5.40 14.68
CA VAL A 149 17.19 6.01 13.48
C VAL A 149 17.00 7.54 13.58
N ARG A 150 16.43 7.99 14.70
CA ARG A 150 16.22 9.41 14.93
C ARG A 150 17.60 10.07 14.89
N ASP A 151 18.55 9.57 15.67
CA ASP A 151 19.88 10.16 15.68
C ASP A 151 20.45 10.28 14.25
N ALA A 152 20.23 9.28 13.42
CA ALA A 152 20.78 9.34 12.08
C ALA A 152 19.92 10.08 11.05
N SER A 153 18.74 10.53 11.44
CA SER A 153 17.85 11.18 10.46
C SER A 153 18.22 12.44 9.70
N ILE A 154 18.01 12.42 8.39
CA ILE A 154 18.21 13.60 7.53
C ILE A 154 16.85 14.38 7.39
N ASN A 155 15.87 13.99 8.20
CA ASN A 155 14.58 14.66 8.27
C ASN A 155 13.86 15.11 6.96
N GLY A 156 13.81 14.20 5.98
CA GLY A 156 13.17 14.44 4.70
C GLY A 156 13.92 15.29 3.69
N ALA A 157 15.20 15.51 3.95
CA ALA A 157 16.00 16.34 3.08
C ALA A 157 16.19 15.80 1.66
N LYS A 158 15.82 14.55 1.43
CA LYS A 158 15.96 14.00 0.09
C LYS A 158 14.61 13.69 -0.51
N ALA A 159 13.59 14.40 -0.07
CA ALA A 159 12.26 14.19 -0.60
C ALA A 159 12.41 14.49 -2.07
N PRO A 160 11.69 13.75 -2.93
CA PRO A 160 11.78 14.01 -4.37
C PRO A 160 11.02 15.28 -4.77
N VAL A 161 11.47 15.90 -5.86
CA VAL A 161 10.84 17.09 -6.38
C VAL A 161 9.58 16.58 -7.04
N ILE A 162 8.45 17.24 -6.83
CA ILE A 162 7.28 16.71 -7.45
C ILE A 162 6.57 17.76 -8.27
N ALA A 163 6.42 17.44 -9.55
CA ALA A 163 5.79 18.27 -10.55
C ALA A 163 4.56 19.02 -10.02
N GLU A 164 3.50 18.27 -9.71
CA GLU A 164 2.21 18.80 -9.24
C GLU A 164 1.24 18.85 -10.42
N ASP A 174 0.18 12.22 -22.78
CA ASP A 174 -0.72 13.37 -22.78
C ASP A 174 -0.98 13.79 -24.22
N GLY A 175 -0.69 12.84 -25.10
CA GLY A 175 -0.96 13.00 -26.52
C GLY A 175 -2.11 12.01 -26.54
N PRO A 176 -1.94 10.84 -27.17
CA PRO A 176 -3.05 9.88 -27.19
C PRO A 176 -3.44 9.48 -25.75
N VAL A 177 -2.43 9.28 -24.91
CA VAL A 177 -2.62 8.89 -23.50
C VAL A 177 -3.48 9.90 -22.79
N GLY A 178 -3.06 11.16 -22.82
CA GLY A 178 -3.83 12.22 -22.20
C GLY A 178 -5.29 12.23 -22.68
N ARG A 179 -5.53 12.08 -23.98
CA ARG A 179 -6.90 12.12 -24.45
C ARG A 179 -7.71 10.91 -24.02
N ALA A 180 -7.10 9.72 -24.15
CA ALA A 180 -7.76 8.48 -23.78
C ALA A 180 -8.07 8.46 -22.28
N ALA A 181 -7.20 9.08 -21.47
CA ALA A 181 -7.39 9.11 -20.02
C ALA A 181 -8.58 10.03 -19.67
N LYS A 182 -8.73 11.13 -20.38
CA LYS A 182 -9.87 11.98 -20.09
C LYS A 182 -11.19 11.26 -20.43
N LYS A 183 -11.22 10.47 -21.47
CA LYS A 183 -12.49 9.81 -21.82
C LYS A 183 -12.76 8.80 -20.72
N PHE A 184 -11.71 8.05 -20.36
CA PHE A 184 -11.83 7.06 -19.31
C PHE A 184 -12.31 7.79 -18.06
N SER A 185 -11.72 8.94 -17.75
CA SER A 185 -12.18 9.66 -16.57
C SER A 185 -13.64 10.00 -16.72
N GLU A 186 -13.99 10.60 -17.86
CA GLU A 186 -15.39 10.96 -18.08
C GLU A 186 -16.37 9.78 -17.99
N ALA A 187 -15.96 8.59 -18.41
CA ALA A 187 -16.90 7.48 -18.34
C ALA A 187 -16.99 6.81 -16.96
N THR A 188 -15.90 6.93 -16.17
CA THR A 188 -15.85 6.30 -14.85
C THR A 188 -16.32 7.22 -13.71
N TYR A 189 -16.14 8.53 -13.84
CA TYR A 189 -16.61 9.43 -12.79
C TYR A 189 -18.06 9.14 -12.35
N PRO A 190 -19.00 8.97 -13.32
CA PRO A 190 -20.40 8.67 -12.94
C PRO A 190 -20.61 7.34 -12.23
N ILE A 191 -19.66 6.45 -12.37
CA ILE A 191 -19.72 5.16 -11.68
C ILE A 191 -19.12 5.39 -10.28
N MET A 192 -17.97 6.06 -10.26
CA MET A 192 -17.27 6.40 -9.02
C MET A 192 -18.20 7.18 -8.10
N ASP A 193 -18.87 8.21 -8.64
CA ASP A 193 -19.73 9.07 -7.80
C ASP A 193 -20.96 8.44 -7.17
N LYS A 194 -21.29 7.22 -7.59
CA LYS A 194 -22.41 6.56 -6.93
C LYS A 194 -21.98 5.62 -5.79
N LEU A 195 -20.67 5.41 -5.62
CA LEU A 195 -20.25 4.47 -4.57
C LEU A 195 -19.88 5.17 -3.30
N ASP A 196 -19.91 4.44 -2.18
CA ASP A 196 -19.52 5.01 -0.91
C ASP A 196 -18.12 4.46 -0.62
N TRP A 197 -17.09 5.29 -0.88
CA TRP A 197 -15.73 4.83 -0.73
C TRP A 197 -15.29 4.66 0.69
N GLY A 198 -16.14 5.09 1.61
CA GLY A 198 -15.80 4.94 3.02
C GLY A 198 -16.44 3.69 3.58
N LYS A 199 -17.24 3.04 2.74
CA LYS A 199 -17.96 1.84 3.13
C LYS A 199 -18.11 0.94 1.87
N SER A 200 -17.05 0.26 1.49
CA SER A 200 -17.11 -0.59 0.31
C SER A 200 -17.07 -2.03 0.76
N PRO A 201 -18.24 -2.62 0.86
CA PRO A 201 -18.49 -4.00 1.28
C PRO A 201 -17.67 -5.10 0.58
N GLU A 202 -17.64 -5.09 -0.75
CA GLU A 202 -16.88 -6.11 -1.48
C GLU A 202 -15.36 -6.07 -1.17
N ILE A 203 -14.78 -4.88 -1.15
CA ILE A 203 -13.35 -4.71 -0.93
C ILE A 203 -12.98 -5.09 0.48
N SER A 204 -13.83 -4.70 1.44
CA SER A 204 -13.56 -5.03 2.82
C SER A 204 -13.61 -6.53 3.00
N LYS A 205 -14.64 -7.16 2.44
CA LYS A 205 -14.72 -8.58 2.63
C LYS A 205 -13.51 -9.28 2.00
N TYR A 206 -13.05 -8.81 0.85
CA TYR A 206 -11.87 -9.39 0.17
C TYR A 206 -10.64 -9.28 1.08
N ILE A 207 -10.39 -8.08 1.61
CA ILE A 207 -9.26 -7.87 2.47
C ILE A 207 -9.34 -8.75 3.73
N GLU A 208 -10.51 -8.88 4.30
CA GLU A 208 -10.70 -9.71 5.50
C GLU A 208 -10.48 -11.23 5.32
N THR A 209 -10.92 -11.75 4.19
CA THR A 209 -10.88 -13.19 3.97
C THR A 209 -10.06 -13.74 2.83
N ALA A 210 -9.61 -12.92 1.89
CA ALA A 210 -8.92 -13.43 0.72
C ALA A 210 -7.69 -14.26 1.00
N SER A 211 -6.75 -13.69 1.73
CA SER A 211 -5.52 -14.41 2.00
C SER A 211 -5.73 -15.75 2.69
N ALA A 212 -6.55 -15.76 3.73
CA ALA A 212 -6.75 -17.01 4.47
C ALA A 212 -7.08 -18.19 3.55
N LYS A 213 -7.77 -17.91 2.43
CA LYS A 213 -8.17 -18.97 1.50
C LYS A 213 -7.04 -19.48 0.66
N ASN A 214 -6.03 -18.65 0.39
CA ASN A 214 -4.90 -19.10 -0.45
C ASN A 214 -3.74 -18.19 -0.15
N PRO A 215 -3.14 -18.37 1.03
CA PRO A 215 -2.01 -17.58 1.51
C PRO A 215 -0.84 -17.51 0.56
N LYS A 216 -0.47 -18.67 0.01
CA LYS A 216 0.70 -18.71 -0.89
C LYS A 216 0.48 -17.93 -2.14
N MET A 217 -0.73 -18.03 -2.69
CA MET A 217 -0.98 -17.30 -3.92
C MET A 217 -1.03 -15.80 -3.62
N MET A 218 -1.52 -15.45 -2.44
CA MET A 218 -1.59 -14.02 -2.05
C MET A 218 -0.17 -13.42 -1.86
N ALA A 219 0.71 -14.18 -1.16
CA ALA A 219 2.09 -13.68 -0.97
C ALA A 219 2.74 -13.53 -2.36
N ASP A 220 2.42 -14.44 -3.27
CA ASP A 220 2.99 -14.38 -4.60
C ASP A 220 2.46 -13.19 -5.34
N GLY A 221 1.18 -12.92 -5.14
CA GLY A 221 0.59 -11.76 -5.77
C GLY A 221 1.26 -10.49 -5.26
N ILE A 222 1.47 -10.42 -3.95
CA ILE A 222 2.10 -9.22 -3.39
C ILE A 222 3.50 -9.07 -3.96
N ASP A 223 4.20 -10.19 -4.02
CA ASP A 223 5.55 -10.20 -4.53
C ASP A 223 5.60 -9.73 -5.97
N LYS A 224 4.71 -10.24 -6.81
CA LYS A 224 4.69 -9.83 -8.22
C LYS A 224 4.39 -8.36 -8.33
N THR A 225 3.54 -7.87 -7.42
CA THR A 225 3.15 -6.45 -7.44
C THR A 225 4.36 -5.57 -7.08
N LEU A 226 5.13 -5.98 -6.08
CA LEU A 226 6.29 -5.21 -5.71
C LEU A 226 7.29 -5.25 -6.89
N GLU A 227 7.45 -6.44 -7.47
CA GLU A 227 8.35 -6.71 -8.61
C GLU A 227 7.94 -5.74 -9.70
N VAL A 228 6.66 -5.67 -10.06
CA VAL A 228 6.20 -4.70 -11.09
C VAL A 228 6.51 -3.26 -10.68
N ALA A 229 6.34 -2.96 -9.39
CA ALA A 229 6.61 -1.62 -8.94
C ALA A 229 8.08 -1.25 -9.14
N LEU A 230 8.99 -2.20 -8.94
CA LEU A 230 10.41 -1.87 -9.10
C LEU A 230 10.81 -1.56 -10.55
N THR A 231 10.00 -1.98 -11.53
CA THR A 231 10.26 -1.67 -12.96
C THR A 231 9.67 -0.32 -13.36
N MET A 232 8.84 0.28 -12.50
CA MET A 232 8.29 1.59 -12.84
C MET A 232 9.26 2.74 -12.61
N ASN A 233 9.02 3.83 -13.32
CA ASN A 233 9.80 5.04 -13.19
C ASN A 233 9.41 5.69 -11.88
N GLN A 234 10.38 5.82 -10.96
CA GLN A 234 10.08 6.40 -9.68
C GLN A 234 9.49 7.83 -9.68
N ASN A 235 9.81 8.68 -10.65
CA ASN A 235 9.23 10.04 -10.63
C ASN A 235 7.73 9.98 -10.94
N ALA A 236 7.37 9.04 -11.81
CA ALA A 236 5.97 8.81 -12.19
C ALA A 236 5.22 8.24 -10.96
N ILE A 237 5.93 7.43 -10.16
CA ILE A 237 5.37 6.88 -8.96
C ILE A 237 5.06 8.08 -8.06
N ASN A 238 6.04 8.97 -7.89
CA ASN A 238 5.85 10.12 -7.05
C ASN A 238 4.74 10.98 -7.55
N ASP A 239 4.64 11.17 -8.85
CA ASP A 239 3.53 12.00 -9.35
C ASP A 239 2.17 11.40 -9.05
N ALA A 240 1.98 10.11 -9.33
CA ALA A 240 0.69 9.43 -9.09
C ALA A 240 0.32 9.47 -7.59
N VAL A 241 1.27 9.14 -6.72
CA VAL A 241 1.05 9.17 -5.29
C VAL A 241 0.57 10.61 -4.90
N PHE A 242 1.26 11.65 -5.37
CA PHE A 242 0.83 12.96 -4.99
C PHE A 242 -0.58 13.25 -5.59
N ALA A 243 -0.85 12.80 -6.82
CA ALA A 243 -2.18 13.03 -7.41
C ALA A 243 -3.27 12.49 -6.43
N HIS A 244 -3.03 11.34 -5.81
CA HIS A 244 -4.01 10.79 -4.85
C HIS A 244 -4.08 11.66 -3.58
N VAL A 245 -2.92 12.13 -3.08
CA VAL A 245 -2.88 13.01 -1.89
C VAL A 245 -3.79 14.20 -2.22
N ARG A 246 -3.66 14.75 -3.41
CA ARG A 246 -4.54 15.87 -3.72
C ARG A 246 -6.03 15.48 -3.77
N ALA A 247 -6.33 14.34 -4.42
CA ALA A 247 -7.72 13.87 -4.54
C ALA A 247 -8.42 13.69 -3.19
N ILE A 248 -7.72 13.06 -2.26
CA ILE A 248 -8.28 12.80 -0.95
C ILE A 248 -8.65 14.12 -0.26
N LYS A 249 -7.76 15.12 -0.32
CA LYS A 249 -8.07 16.38 0.31
C LYS A 249 -9.36 16.91 -0.30
N GLY A 250 -9.46 16.86 -1.63
CA GLY A 250 -10.70 17.32 -2.25
C GLY A 250 -11.91 16.43 -1.95
N ALA A 251 -11.67 15.25 -1.37
CA ALA A 251 -12.79 14.32 -1.12
C ALA A 251 -13.28 14.18 0.29
N LEU A 252 -12.45 14.56 1.27
CA LEU A 252 -12.77 14.41 2.70
C LEU A 252 -14.08 14.92 3.25
N ASN A 253 -14.60 16.01 2.71
CA ASN A 253 -15.86 16.55 3.26
C ASN A 253 -17.06 16.15 2.39
N THR A 254 -16.84 15.40 1.31
CA THR A 254 -17.94 15.01 0.43
C THR A 254 -18.51 13.68 0.86
N PRO A 255 -19.84 13.56 0.93
CA PRO A 255 -20.40 12.26 1.35
C PRO A 255 -19.85 11.12 0.49
N GLY A 256 -19.52 10.01 1.14
CA GLY A 256 -19.00 8.84 0.41
C GLY A 256 -17.58 8.98 -0.08
N LEU A 257 -16.92 10.08 0.28
CA LEU A 257 -15.53 10.36 -0.09
C LEU A 257 -15.31 10.33 -1.59
N VAL A 258 -16.27 10.90 -2.29
CA VAL A 258 -16.30 11.01 -3.75
C VAL A 258 -15.40 12.16 -4.22
N ALA A 259 -14.40 11.80 -5.00
CA ALA A 259 -13.45 12.77 -5.52
C ALA A 259 -14.07 13.86 -6.39
N GLU A 260 -13.38 15.01 -6.43
CA GLU A 260 -13.79 16.13 -7.30
C GLU A 260 -13.40 15.71 -8.74
N ARG A 261 -14.14 16.20 -9.73
CA ARG A 261 -13.89 15.87 -11.13
C ARG A 261 -12.44 16.08 -11.64
N ASP A 262 -11.85 17.25 -11.35
CA ASP A 262 -10.49 17.54 -11.79
C ASP A 262 -9.42 16.64 -11.12
N ASP A 263 -9.58 16.46 -9.82
CA ASP A 263 -8.66 15.60 -9.05
C ASP A 263 -8.68 14.17 -9.60
N PHE A 264 -9.88 13.64 -9.82
CA PHE A 264 -10.10 12.30 -10.38
C PHE A 264 -9.37 12.13 -11.73
N ALA A 265 -9.51 13.12 -12.61
CA ALA A 265 -8.84 13.08 -13.92
C ALA A 265 -7.34 13.05 -13.76
N ARG A 266 -6.85 13.93 -12.89
CA ARG A 266 -5.41 14.01 -12.64
C ARG A 266 -4.88 12.66 -12.12
N VAL A 267 -5.65 12.00 -11.24
CA VAL A 267 -5.23 10.68 -10.74
C VAL A 267 -5.16 9.67 -11.89
N ASN A 268 -6.16 9.62 -12.74
CA ASN A 268 -6.10 8.63 -13.82
C ASN A 268 -4.98 8.91 -14.81
N LEU A 269 -4.69 10.18 -15.07
CA LEU A 269 -3.64 10.48 -16.02
C LEU A 269 -2.28 10.09 -15.43
N ALA A 270 -2.09 10.43 -14.16
CA ALA A 270 -0.87 10.13 -13.45
C ALA A 270 -0.67 8.62 -13.39
N LEU A 271 -1.72 7.84 -13.18
CA LEU A 271 -1.57 6.38 -13.16
C LEU A 271 -1.23 5.86 -14.56
N ALA A 272 -1.96 6.33 -15.57
CA ALA A 272 -1.72 5.93 -16.94
C ALA A 272 -0.20 6.08 -17.24
N LYS A 273 0.36 7.24 -16.96
CA LYS A 273 1.78 7.51 -17.15
C LYS A 273 2.64 6.55 -16.31
N MET A 274 2.26 6.33 -15.06
CA MET A 274 3.06 5.43 -14.25
C MET A 274 2.98 4.00 -14.81
N ILE A 275 1.81 3.57 -15.26
CA ILE A 275 1.75 2.22 -15.79
C ILE A 275 2.50 2.12 -17.13
N ALA A 276 2.56 3.21 -17.87
CA ALA A 276 3.26 3.15 -19.14
C ALA A 276 4.73 2.80 -18.91
N THR A 277 5.24 3.15 -17.74
CA THR A 277 6.64 2.90 -17.43
C THR A 277 7.00 1.54 -16.82
N ALA A 278 6.00 0.69 -16.60
CA ALA A 278 6.22 -0.64 -16.05
C ALA A 278 6.52 -1.70 -17.11
N ASP A 279 7.04 -2.84 -16.67
CA ASP A 279 7.24 -3.95 -17.58
C ASP A 279 5.80 -4.33 -17.87
N PRO A 280 5.38 -4.28 -19.14
CA PRO A 280 4.05 -4.58 -19.67
C PRO A 280 3.51 -5.97 -19.42
N ALA A 281 4.34 -6.99 -19.63
CA ALA A 281 3.87 -8.34 -19.44
C ALA A 281 3.70 -8.58 -17.94
N LYS A 282 4.61 -8.04 -17.15
CA LYS A 282 4.51 -8.21 -15.73
C LYS A 282 3.31 -7.48 -15.18
N PHE A 283 3.08 -6.25 -15.63
CA PHE A 283 1.94 -5.50 -15.15
C PHE A 283 0.67 -6.23 -15.54
N LYS A 284 0.53 -6.49 -16.82
CA LYS A 284 -0.62 -7.19 -17.35
C LYS A 284 -0.96 -8.42 -16.53
N ALA A 285 0.08 -9.18 -16.19
CA ALA A 285 -0.07 -10.42 -15.46
C ALA A 285 -0.65 -10.29 -14.05
N LEU A 286 -0.59 -9.11 -13.44
CA LEU A 286 -1.14 -8.98 -12.09
C LEU A 286 -2.63 -9.29 -12.07
N LEU A 287 -3.29 -9.08 -13.22
CA LEU A 287 -4.69 -9.37 -13.31
C LEU A 287 -4.99 -10.76 -12.78
N THR A 288 -4.11 -11.73 -13.04
CA THR A 288 -4.44 -13.08 -12.55
C THR A 288 -3.52 -13.55 -11.43
N ALA A 289 -2.89 -12.61 -10.74
CA ALA A 289 -1.95 -12.95 -9.68
C ALA A 289 -2.52 -13.16 -8.30
N PHE A 290 -3.62 -12.50 -7.97
CA PHE A 290 -4.20 -12.63 -6.63
C PHE A 290 -5.31 -13.68 -6.53
N PRO A 291 -5.44 -14.33 -5.37
CA PRO A 291 -6.52 -15.33 -5.28
C PRO A 291 -7.89 -14.65 -5.22
N GLY A 292 -8.89 -15.29 -5.84
CA GLY A 292 -10.25 -14.76 -5.89
C GLY A 292 -10.49 -13.41 -6.58
N ASN A 293 -9.60 -12.96 -7.45
CA ASN A 293 -9.84 -11.67 -8.07
C ASN A 293 -10.99 -11.64 -9.06
N ALA A 294 -11.17 -12.71 -9.84
CA ALA A 294 -12.26 -12.75 -10.81
C ALA A 294 -13.57 -12.64 -10.10
N ASP A 295 -13.72 -13.32 -8.97
CA ASP A 295 -14.96 -13.27 -8.23
C ASP A 295 -15.14 -11.92 -7.59
N LEU A 296 -14.04 -11.26 -7.20
CA LEU A 296 -14.16 -9.93 -6.63
C LEU A 296 -14.64 -8.95 -7.69
N GLN A 297 -14.07 -9.02 -8.89
CA GLN A 297 -14.49 -8.13 -9.95
C GLN A 297 -15.96 -8.33 -10.36
N MET A 298 -16.48 -9.58 -10.36
CA MET A 298 -17.90 -9.81 -10.68
C MET A 298 -18.75 -9.12 -9.60
N ALA A 299 -18.41 -9.30 -8.34
CA ALA A 299 -19.17 -8.65 -7.28
C ALA A 299 -19.11 -7.08 -7.38
N LEU A 300 -17.94 -6.51 -7.68
CA LEU A 300 -17.82 -5.05 -7.84
C LEU A 300 -18.73 -4.62 -9.03
N PHE A 301 -18.62 -5.36 -10.15
CA PHE A 301 -19.46 -5.14 -11.34
C PHE A 301 -20.97 -5.23 -11.00
N ALA A 302 -21.35 -6.21 -10.17
CA ALA A 302 -22.75 -6.37 -9.79
C ALA A 302 -23.29 -5.17 -9.00
N ALA A 303 -22.41 -4.35 -8.42
CA ALA A 303 -22.89 -3.20 -7.67
C ALA A 303 -23.03 -1.95 -8.56
N ASN A 304 -22.60 -2.05 -9.82
CA ASN A 304 -22.68 -0.92 -10.73
C ASN A 304 -23.80 -1.04 -11.77
N ASN A 305 -24.13 0.08 -12.41
CA ASN A 305 -25.12 0.10 -13.48
C ASN A 305 -24.46 -0.68 -14.62
N PRO A 306 -25.07 -1.78 -15.05
CA PRO A 306 -24.55 -2.64 -16.11
C PRO A 306 -24.11 -1.86 -17.34
N GLU A 307 -25.03 -1.05 -17.85
CA GLU A 307 -24.77 -0.24 -19.04
C GLU A 307 -23.53 0.62 -18.94
N GLN A 308 -23.54 1.50 -17.95
CA GLN A 308 -22.45 2.42 -17.75
C GLN A 308 -21.11 1.72 -17.57
N ALA A 309 -21.08 0.56 -16.89
CA ALA A 309 -19.82 -0.13 -16.68
C ALA A 309 -19.27 -0.71 -17.98
N LYS A 310 -20.15 -1.28 -18.79
CA LYS A 310 -19.76 -1.82 -20.09
C LYS A 310 -19.28 -0.69 -20.97
N ALA A 311 -19.98 0.43 -20.92
CA ALA A 311 -19.57 1.59 -21.72
C ALA A 311 -18.19 2.11 -21.26
N ALA A 312 -17.95 2.05 -19.96
CA ALA A 312 -16.70 2.49 -19.39
C ALA A 312 -15.57 1.55 -19.80
N TYR A 313 -15.85 0.24 -19.78
CA TYR A 313 -14.86 -0.75 -20.18
C TYR A 313 -14.32 -0.41 -21.57
N GLU A 314 -15.19 0.05 -22.47
CA GLU A 314 -14.70 0.39 -23.77
C GLU A 314 -13.66 1.50 -23.62
N THR A 315 -13.93 2.55 -22.83
CA THR A 315 -12.90 3.57 -22.68
C THR A 315 -11.66 2.96 -22.01
N PHE A 316 -11.87 2.01 -21.10
CA PHE A 316 -10.73 1.38 -20.40
C PHE A 316 -9.83 0.66 -21.43
N VAL A 317 -10.42 -0.14 -22.33
CA VAL A 317 -9.63 -0.80 -23.36
C VAL A 317 -8.90 0.26 -24.20
N ALA A 318 -9.57 1.33 -24.56
CA ALA A 318 -8.93 2.38 -25.36
C ALA A 318 -7.70 2.96 -24.67
N LEU A 319 -7.80 3.18 -23.37
CA LEU A 319 -6.69 3.75 -22.60
C LEU A 319 -5.56 2.71 -22.52
N THR A 320 -5.90 1.46 -22.23
CA THR A 320 -4.90 0.41 -22.16
C THR A 320 -3.97 0.42 -23.41
N SER A 321 -4.57 0.57 -24.59
CA SER A 321 -3.84 0.63 -25.86
C SER A 321 -2.94 1.86 -26.02
N ALA A 322 -3.47 3.03 -25.67
CA ALA A 322 -2.69 4.27 -25.75
C ALA A 322 -1.46 4.14 -24.86
N VAL A 323 -1.67 3.65 -23.65
CA VAL A 323 -0.55 3.43 -22.72
C VAL A 323 0.44 2.42 -23.31
N ALA A 324 -0.05 1.30 -23.82
CA ALA A 324 0.86 0.33 -24.41
C ALA A 324 1.69 1.00 -25.50
N SER A 325 1.10 1.97 -26.21
CA SER A 325 1.84 2.72 -27.23
C SER A 325 2.42 3.95 -26.57
N SER A 326 3.49 3.81 -25.82
CA SER A 326 4.07 4.98 -25.17
C SER A 326 5.20 4.53 -24.23
MG CLA B . 5.56 -3.45 6.49
CHA CLA B . 5.11 -1.66 9.53
CHB CLA B . 3.62 -6.07 7.82
CHC CLA B . 5.02 -4.77 3.33
CHD CLA B . 6.83 -0.51 5.09
NA CLA B . 4.46 -3.74 8.41
C1A CLA B . 4.52 -2.92 9.54
C2A CLA B . 3.88 -3.63 10.74
C3A CLA B . 3.56 -5.04 10.23
C4A CLA B . 3.86 -4.99 8.73
CMA CLA B . 4.46 -6.11 10.98
CAA CLA B . 2.59 -3.00 11.26
CBA CLA B . 1.59 -2.80 10.15
CGA CLA B . 0.25 -2.32 10.65
O1A CLA B . 0.19 -1.29 11.33
O2A CLA B . -0.88 -3.01 10.40
NB CLA B . 4.63 -5.18 5.74
C1B CLA B . 3.96 -6.14 6.48
C2B CLA B . 3.69 -7.26 5.60
C3B CLA B . 4.09 -6.92 4.34
C4B CLA B . 4.59 -5.56 4.41
CMB CLA B . 3.08 -8.64 5.96
CAB CLA B . 4.01 -7.96 3.30
CBB CLA B . 4.51 -7.75 2.01
NC CLA B . 5.87 -2.76 4.57
C1C CLA B . 5.61 -3.49 3.41
C2C CLA B . 6.10 -2.73 2.27
C3C CLA B . 6.61 -1.55 2.74
C4C CLA B . 6.49 -1.58 4.21
CMC CLA B . 6.12 -3.23 0.77
CAC CLA B . 7.21 -0.47 1.88
CBC CLA B . 8.73 -0.39 2.07
ND CLA B . 5.85 -1.49 7.08
C1D CLA B . 6.53 -0.47 6.46
C2D CLA B . 6.79 0.61 7.41
C3D CLA B . 6.26 0.20 8.59
C4D CLA B . 5.71 -1.10 8.39
CMD CLA B . 7.50 1.95 7.19
CAD CLA B . 6.03 0.55 9.97
OBD CLA B . 6.53 1.44 10.66
CBD CLA B . 5.03 -0.49 10.53
CGD CLA B . 5.44 -0.92 11.92
O1D CLA B . 6.19 -1.89 12.07
O2D CLA B . 4.96 -0.20 12.98
CED CLA B . 5.34 -0.46 14.29
C1 CLA B . -2.15 -2.31 10.61
C2 CLA B . -2.35 -1.37 9.54
C3 CLA B . -2.52 -0.01 9.65
C4 CLA B . -2.55 0.69 10.99
C5 CLA B . -2.74 0.91 8.47
C6 CLA B . -2.72 0.20 7.09
C7 CLA B . -3.07 1.19 5.98
C8 CLA B . -3.09 0.56 4.59
C9 CLA B . -1.66 0.17 4.14
C10 CLA B . -3.80 1.50 3.62
C11 CLA B . -4.05 0.88 2.24
C12 CLA B . -4.76 1.80 1.21
C13 CLA B . -4.95 1.12 -0.17
C14 CLA B . -5.42 2.11 -1.23
C15 CLA B . -5.95 -0.04 -0.06
C16 CLA B . -6.07 -0.86 -1.33
C17 CLA B . -6.96 -2.03 -1.09
C18 CLA B . -7.19 -2.94 -2.31
C19 CLA B . -8.00 -2.30 -3.41
C20 CLA B . -7.86 -4.22 -1.87
MG CLA C . -5.61 2.85 -6.64
CHA CLA C . -6.23 0.31 -8.99
CHB CLA C . -8.69 2.22 -5.20
CHC CLA C . -4.67 4.63 -3.81
CHD CLA C . -2.27 2.74 -7.65
NA CLA C . -7.31 1.56 -7.14
C1A CLA C . -7.33 0.60 -8.16
C2A CLA C . -8.64 -0.17 -8.10
C3A CLA C . -9.47 0.59 -7.08
C4A CLA C . -8.46 1.51 -6.39
CMA CLA C . -10.52 1.45 -7.80
CAA CLA C . -8.43 -1.62 -7.66
CBA CLA C . -9.67 -2.49 -7.81
CGA CLA C . -9.52 -3.86 -7.16
O1A CLA C . -10.49 -4.62 -7.18
O2A CLA C . -8.27 -4.29 -6.52
NB CLA C . -6.56 3.44 -4.89
C1B CLA C . -7.85 3.09 -4.54
C2B CLA C . -8.24 3.86 -3.38
C3B CLA C . -7.14 4.56 -2.97
C4B CLA C . -6.04 4.23 -3.90
CMB CLA C . -9.67 3.94 -2.75
CAB CLA C . -7.38 5.39 -1.79
CBB CLA C . -6.40 6.16 -1.28
NC CLA C . -3.79 3.55 -5.87
C1C CLA C . -3.64 4.31 -4.73
C2C CLA C . -2.26 4.79 -4.67
C3C CLA C . -1.60 4.27 -5.73
C4C CLA C . -2.55 3.47 -6.48
CMC CLA C . -1.63 5.70 -3.61
CAC CLA C . -0.14 4.46 -6.10
CBC CLA C . 0.05 5.72 -7.04
ND CLA C . -4.49 1.79 -7.97
C1D CLA C . -3.19 1.95 -8.37
C2D CLA C . -2.98 1.35 -9.66
C3D CLA C . -4.12 0.70 -9.94
C4D CLA C . -5.03 0.96 -8.89
CMD CLA C . -1.65 1.39 -10.50
CAD CLA C . -4.76 -0.24 -10.82
OBD CLA C . -4.50 -0.58 -12.00
CBD CLA C . -6.04 -0.71 -10.16
CGD CLA C . -7.14 -0.58 -11.17
O1D CLA C . -7.82 0.45 -11.23
O2D CLA C . -7.35 -1.59 -12.07
CED CLA C . -8.19 -1.42 -13.07
C1 CLA C . -8.26 -5.62 -5.94
C2 CLA C . -7.00 -5.80 -5.39
C3 CLA C . -6.16 -6.92 -5.38
C4 CLA C . -6.54 -8.30 -6.02
C5 CLA C . -4.73 -6.88 -4.70
C6 CLA C . -4.36 -5.55 -3.97
C7 CLA C . -2.89 -5.50 -3.52
C8 CLA C . -2.43 -4.17 -2.84
C9 CLA C . -0.88 -4.11 -2.79
C10 CLA C . -3.00 -4.13 -1.41
C11 CLA C . -2.39 -3.06 -0.47
C12 CLA C . -3.20 -2.91 0.83
C13 CLA C . -3.46 -4.20 1.62
C14 CLA C . -4.64 -4.11 2.57
C15 CLA C . -2.19 -4.58 2.39
C16 CLA C . -1.73 -3.63 3.50
C17 CLA C . -0.32 -3.97 3.86
C18 CLA C . 0.24 -3.23 5.07
C19 CLA C . 1.66 -3.66 5.32
C20 CLA C . -0.59 -3.51 6.30
C1 PID D . 1.08 -3.30 24.33
C2 PID D . 0.98 -2.97 25.82
C3 PID D . 2.31 -2.37 26.28
C4 PID D . 3.41 -3.42 26.08
C5 PID D . 3.69 -3.73 24.60
C6 PID D . 2.42 -3.76 23.75
C7 PID D . 2.46 -4.62 22.64
C8 PID D . 2.52 -4.25 21.30
C9 PID D . 2.56 -5.13 20.22
C10 PID D . 2.59 -6.52 20.25
C11 PID D . 2.58 -4.77 18.93
C12 PID D . 2.57 -5.87 18.17
C13 PID D . 2.36 -5.85 16.79
C14 PID D . 2.26 -6.93 15.90
C15 PID D . 1.97 -6.68 14.56
C16 PID D . 1.75 -7.65 13.58
C17 PID D . 1.37 -7.26 12.29
C18 PID D . 1.02 -8.15 11.27
C19 PID D . 0.59 -7.72 10.02
C20 PID D . 0.12 -8.62 9.06
C21 PID D . -0.37 -8.31 7.79
C22 PID D . -0.88 -9.33 6.98
C23 PID D . -1.41 -9.20 5.79
C24 PID D . -2.03 -9.12 4.63
C25 PID D . -1.29 -9.25 3.28
C26 PID D . -1.93 -8.41 2.17
C27 PID D . -3.46 -8.57 2.08
C28 PID D . -4.05 -8.14 3.43
C29 PID D . -3.56 -9.00 4.59
C30 PID D . -5.06 -7.90 0.43
C31 PID D . -5.38 -7.16 -0.88
CM1 PID D . -0.24 -3.79 23.72
CM2 PID D . 4.41 -5.08 24.57
CM3 PID D . 4.64 -2.66 24.06
CM4 PID D . 2.42 -8.36 16.41
CM5 PID D . -0.30 -6.87 7.27
CM6 PID D . 0.17 -8.83 3.39
CM7 PID D . -1.35 -10.74 2.88
CM8 PID D . -4.09 -8.37 5.88
O1 PID D . 1.88 -2.45 23.52
O2 PID D . 2.23 -2.06 27.67
O3 PID D . 2.70 -7.23 21.25
O4 PID D . 2.60 -6.98 18.97
O5 PID D . -4.11 -10.31 4.45
O6 PID D . -3.84 -7.71 0.99
O7 PID D . -5.88 -8.71 0.89
C1 PID E . 6.35 6.77 22.45
C2 PID E . 6.80 6.79 23.93
C3 PID E . 8.23 7.31 24.02
C4 PID E . 9.12 6.35 23.23
C5 PID E . 8.88 6.43 21.72
C6 PID E . 7.39 6.54 21.36
C7 PID E . 7.02 5.94 20.15
C8 PID E . 6.71 6.60 18.96
C9 PID E . 6.36 5.93 17.80
C10 PID E . 6.27 4.54 17.66
C11 PID E . 6.05 6.47 16.62
C12 PID E . 5.80 5.50 15.75
C13 PID E . 5.56 5.67 14.39
C14 PID E . 5.32 4.68 13.44
C15 PID E . 5.15 5.06 12.10
C16 PID E . 4.95 4.21 11.01
C17 PID E . 4.89 4.76 9.72
C18 PID E . 4.79 3.96 8.58
C19 PID E . 4.81 4.50 7.29
C20 PID E . 4.75 3.66 6.18
C21 PID E . 4.81 4.06 4.84
C22 PID E . 4.77 3.09 3.83
C23 PID E . 4.84 3.34 2.54
C24 PID E . 4.92 3.59 1.27
C25 PID E . 6.25 3.60 0.49
C26 PID E . 6.39 4.91 -0.27
C27 PID E . 5.16 5.25 -1.13
C28 PID E . 3.88 5.26 -0.29
C29 PID E . 3.65 3.94 0.46
C30 PID E . 6.18 6.85 -2.61
C31 PID E . 6.38 8.30 -3.06
CM1 PID E . 4.93 6.25 22.25
CM2 PID E . 9.50 5.16 21.12
CM3 PID E . 9.65 7.64 21.17
CM4 PID E . 5.33 3.20 13.83
CM5 PID E . 4.94 5.54 4.49
CM6 PID E . 7.44 3.45 1.45
CM7 PID E . 6.31 2.45 -0.52
CM8 PID E . 2.45 4.09 1.40
O1 PID E . 6.80 7.83 21.61
O2 PID E . 8.65 7.34 25.38
O3 PID E . 6.48 3.70 18.52
O4 PID E . 5.92 4.28 16.36
O5 PID E . 3.39 2.91 -0.48
O6 PID E . 5.31 6.61 -1.58
O7 PID E . 6.80 5.94 -3.16
C1 PID F . 10.07 7.96 16.09
C2 PID F . 10.34 9.34 16.70
C3 PID F . 10.56 10.37 15.60
C4 PID F . 11.78 9.94 14.77
C5 PID F . 11.55 8.64 13.99
C6 PID F . 10.73 7.59 14.76
C7 PID F . 10.97 6.26 14.37
C8 PID F . 10.00 5.32 14.00
C9 PID F . 10.27 4.01 13.60
C10 PID F . 11.51 3.40 13.46
C11 PID F . 9.38 3.12 13.16
C12 PID F . 10.00 2.01 12.76
C13 PID F . 9.37 0.88 12.23
C14 PID F . 9.99 -0.30 11.79
C15 PID F . 9.19 -1.33 11.27
C16 PID F . 9.65 -2.54 10.78
C17 PID F . 8.77 -3.51 10.28
C18 PID F . 9.23 -4.73 9.75
C19 PID F . 8.39 -5.70 9.22
C20 PID F . 8.96 -6.86 8.66
C21 PID F . 8.26 -7.90 8.05
C22 PID F . 8.96 -8.98 7.51
C23 PID F . 8.36 -9.96 6.91
C24 PID F . 7.74 -10.90 6.23
C25 PID F . 7.46 -10.78 4.73
C26 PID F . 5.94 -10.91 4.52
C27 PID F . 5.35 -12.16 5.20
C28 PID F . 5.70 -12.24 6.69
C29 PID F . 7.22 -12.16 6.92
C30 PID F . 3.32 -12.43 3.97
C31 PID F . 1.80 -12.43 3.89
CM1 PID F . 9.75 6.87 17.12
CM2 PID F . 12.94 8.11 13.63
CM3 PID F . 10.84 9.03 12.70
CM4 PID F . 11.51 -0.47 11.84
CM5 PID F . 6.73 -7.86 7.93
CM6 PID F . 7.87 -9.41 4.19
CM7 PID F . 8.22 -11.86 3.95
CM8 PID F . 7.50 -12.12 8.43
O1 PID F . 9.33 7.92 14.87
O2 PID F . 10.82 11.66 16.16
O3 PID F . 12.60 3.91 13.73
O4 PID F . 11.35 2.14 12.93
O5 PID F . 7.87 -13.28 6.31
O6 PID F . 3.92 -12.03 5.13
O7 PID F . 4.00 -12.86 3.04
C1A DGD G . 2.53 1.99 15.40
C2A DGD G . 1.89 1.41 14.16
C3A DGD G . 1.33 2.53 13.22
C4A DGD G . 1.05 2.01 11.84
C5A DGD G . 1.30 3.07 10.77
C6A DGD G . 0.86 2.62 9.40
C7A DGD G . 1.71 1.50 8.80
C8A DGD G . 0.97 0.71 7.65
C9A DGD G . 1.62 0.99 6.22
CAA DGD G . 2.58 -0.10 5.81
CBA DGD G . 3.23 -0.01 4.43
CCA DGD G . 2.31 -0.06 3.21
CDA DGD G . 3.21 -0.10 1.94
CEA DGD G . 2.47 -0.19 0.60
CFA DGD G . 1.72 -1.54 0.36
CGA DGD G . 2.56 -2.50 -0.51
CHA DGD G . 2.09 -3.96 -0.42
CIA DGD G . 1.71 -4.43 0.97
O1A DGD G . 2.24 3.16 15.69
C1B DGD G . 5.22 -1.10 18.39
C2B DGD G . 6.30 -1.89 17.70
C3B DGD G . 6.12 -3.40 17.90
C4B DGD G . 6.59 -3.83 19.29
C5B DGD G . 7.23 -5.19 19.30
C6B DGD G . 6.34 -6.16 20.08
C7B DGD G . 5.90 -7.36 19.23
C8B DGD G . 6.81 -7.58 18.06
C9B DGD G . 6.09 -7.55 16.73
CAB DGD G . 6.42 -8.82 15.94
CBB DGD G . 5.87 -8.78 14.57
CCB DGD G . 6.86 -9.39 13.63
CDB DGD G . 7.30 -8.41 12.56
CEB DGD G . 8.58 -7.78 12.96
CFB DGD G . 8.39 -6.59 13.83
CGB DGD G . 7.69 -5.46 13.08
CHB DGD G . 7.26 -4.37 14.05
CIB DGD G . 5.80 -4.52 14.54
O1B DGD G . 4.34 -1.71 19.05
O1G DGD G . 2.83 1.21 16.42
C1G DGD G . 3.41 1.87 17.48
C2G DGD G . 3.83 0.78 18.47
O2G DGD G . 4.97 0.07 17.85
C3G DGD G . 4.21 1.46 19.80
O3G DGD G . 2.90 1.76 20.33
C1D DGD G . 2.92 2.57 21.48
C2D DGD G . 1.50 3.21 21.70
O2D DGD G . 1.18 4.06 20.61
C3D DGD G . 1.55 4.06 22.94
O3D DGD G . 0.27 4.67 23.19
C4D DGD G . 2.04 3.23 24.15
O4D DGD G . 1.10 2.22 24.48
C5D DGD G . 3.34 2.54 23.78
O5D DGD G . 4.03 2.04 26.02
C6D DGD G . 3.61 1.45 24.80
O6D DGD G . 3.25 1.77 22.60
C1E DGD G . 3.31 1.47 27.12
C2E DGD G . 3.13 2.54 28.18
O2E DGD G . 2.35 3.62 27.64
C3E DGD G . 4.56 3.04 28.57
O3E DGD G . 4.49 3.97 29.65
C4E DGD G . 5.39 1.82 28.98
O4E DGD G . 4.71 1.16 30.05
C5E DGD G . 5.45 0.85 27.78
O6E DGD G . 4.10 0.40 27.68
C6E DGD G . 6.35 -0.35 28.09
O5E DGD G . 7.74 0.02 28.03
C1 PID H . -16.50 -7.46 -15.36
C2 PID H . -17.05 -8.45 -16.38
C3 PID H . -16.85 -7.94 -17.81
C4 PID H . -17.51 -6.58 -17.96
C5 PID H . -16.91 -5.47 -17.08
C6 PID H . -16.49 -5.96 -15.69
C7 PID H . -16.57 -5.00 -14.66
C8 PID H . -15.50 -4.64 -13.84
C9 PID H . -15.54 -3.68 -12.81
C10 PID H . -16.62 -2.91 -12.38
C11 PID H . -14.53 -3.43 -11.99
C12 PID H . -14.94 -2.56 -11.05
C13 PID H . -14.18 -2.21 -9.94
C14 PID H . -14.52 -1.34 -8.90
C15 PID H . -13.62 -1.17 -7.85
C16 PID H . -13.82 -0.41 -6.71
C17 PID H . -12.83 -0.35 -5.72
C18 PID H . -12.98 0.34 -4.52
C19 PID H . -11.97 0.36 -3.55
C20 PID H . -12.14 0.99 -2.32
C21 PID H . -11.20 1.04 -1.30
C22 PID H . -11.59 1.64 -0.10
C23 PID H . -10.90 1.74 1.01
C24 PID H . -10.33 1.74 2.19
C25 PID H . -9.43 2.86 2.72
C26 PID H . -8.33 2.33 3.65
C27 PID H . -8.89 1.35 4.70
C28 PID H . -9.46 0.14 3.95
C29 PID H . -10.69 0.58 3.14
C30 PID H . -7.57 1.57 6.69
C31 PID H . -6.55 1.01 7.68
CM1 PID H . -16.73 -7.88 -13.91
CM2 PID H . -18.00 -4.39 -17.00
CM3 PID H . -15.69 -4.89 -17.80
CM4 PID H . -15.84 -0.56 -8.92
CM5 PID H . -9.76 0.54 -1.50
CM6 PID H . -8.76 3.59 1.54
CM7 PID H . -10.31 3.84 3.50
CM8 PID H . -11.24 -0.60 2.36
O1 PID H . -15.29 -6.76 -15.69
O2 PID H . -17.58 -8.81 -18.68
O3 PID H . -17.74 -2.87 -12.90
O4 PID H . -16.24 -2.21 -11.29
O5 PID H . -11.64 1.04 4.09
O6 PID H . -7.88 0.83 5.58
O7 PID H . -8.12 2.64 6.90
C1 PID I . -7.98 -8.91 -21.27
C2 PID I . -8.85 -9.19 -22.50
C3 PID I . -8.34 -8.40 -23.72
C4 PID I . -8.40 -6.92 -23.38
C5 PID I . -7.48 -6.49 -22.23
C6 PID I . -7.36 -7.52 -21.10
C7 PID I . -7.18 -6.99 -19.82
C8 PID I . -6.05 -7.10 -19.00
C9 PID I . -5.92 -6.54 -17.73
C10 PID I . -6.86 -5.79 -17.02
C11 PID I . -4.79 -6.49 -17.02
C12 PID I . -4.98 -5.73 -15.94
C13 PID I . -3.99 -5.38 -15.02
C14 PID I . -4.10 -4.59 -13.88
C15 PID I . -2.94 -4.35 -13.13
C16 PID I . -2.88 -3.56 -11.98
C17 PID I . -1.66 -3.32 -11.35
C18 PID I . -1.56 -2.50 -10.23
C19 PID I . -0.34 -2.22 -9.62
C20 PID I . -0.27 -1.37 -8.51
C21 PID I . 0.91 -1.01 -7.86
C22 PID I . 0.83 -0.16 -6.74
C23 PID I . 1.84 0.28 -6.05
C24 PID I . 2.82 0.77 -5.32
C25 PID I . 3.49 2.12 -5.59
C26 PID I . 5.01 1.95 -5.69
C27 PID I . 5.60 1.16 -4.51
C28 PID I . 4.88 -0.18 -4.32
C29 PID I . 3.37 -0.03 -4.13
C30 PID I . 7.92 1.74 -4.71
C31 PID I . 9.34 1.35 -5.12
CM1 PID I . -8.37 -9.73 -20.05
CM2 PID I . -8.07 -5.17 -21.71
CM3 PID I . -6.09 -6.19 -22.79
CM4 PID I . -5.41 -3.90 -13.50
CM5 PID I . 2.25 -1.52 -8.37
CM6 PID I . 2.99 2.75 -6.89
CM7 PID I . 3.16 3.08 -4.44
CM8 PID I . 2.73 -1.42 -4.03
O1 PID I . -6.58 -8.67 -21.48
O2 PID I . -9.22 -8.66 -24.82
O3 PID I . -8.07 -5.70 -17.28
O4 PID I . -6.27 -5.27 -15.91
O5 PID I . 3.11 0.71 -2.93
O6 PID I . 6.96 0.79 -4.84
O7 PID I . 7.68 2.88 -4.31
C1 PID J . -2.66 -4.00 -20.28
C2 PID J . -2.04 -4.79 -21.44
C3 PID J . -0.52 -4.76 -21.29
C4 PID J . -0.09 -3.30 -21.46
C5 PID J . -0.50 -2.46 -20.25
C6 PID J . -1.92 -2.77 -19.74
C7 PID J . -2.58 -1.72 -19.11
C8 PID J . -3.17 -1.75 -17.84
C9 PID J . -3.79 -0.64 -17.25
C10 PID J . -3.92 0.65 -17.79
C11 PID J . -4.36 -0.61 -16.04
C12 PID J . -4.81 0.62 -15.80
C13 PID J . -5.40 1.04 -14.61
C14 PID J . -5.89 2.31 -14.32
C15 PID J . -6.45 2.53 -13.06
C16 PID J . -6.98 3.74 -12.58
C17 PID J . -7.51 3.82 -11.30
C18 PID J . -8.02 5.00 -10.78
C19 PID J . -8.53 5.12 -9.49
C20 PID J . -8.99 6.35 -9.01
C21 PID J . -9.47 6.60 -7.72
C22 PID J . -9.84 7.89 -7.35
C23 PID J . -10.25 8.19 -6.15
C24 PID J . -10.64 8.47 -4.94
C25 PID J . -9.64 8.91 -3.85
C26 PID J . -9.88 8.11 -2.57
C27 PID J . -11.35 8.13 -2.14
C28 PID J . -12.27 7.60 -3.25
C29 PID J . -12.12 8.39 -4.55
C30 PID J . -11.20 7.62 0.18
C31 PID J . -11.41 6.66 1.35
CM1 PID J . -4.19 -4.09 -20.22
CM2 PID J . -0.35 -1.00 -20.69
CM3 PID J . 0.51 -2.73 -19.13
CM4 PID J . -5.82 3.45 -15.34
CM5 PID J . -9.66 5.47 -6.71
CM6 PID J . -8.19 8.68 -4.29
CM7 PID J . -9.83 10.41 -3.56
CM8 PID J . -12.99 7.73 -5.62
O1 PID J . -1.97 -4.01 -19.03
O2 PID J . 0.12 -5.57 -22.28
O3 PID J . -3.49 1.02 -18.87
O4 PID J . -4.57 1.44 -16.88
O5 PID J . -12.59 9.72 -4.34
O6 PID J . -11.54 7.20 -1.06
O7 PID J . -10.73 8.74 0.36
C1A DGD K . -8.51 -5.61 -11.93
C2A DGD K . -7.98 -4.92 -10.67
C3A DGD K . -7.27 -5.88 -9.71
C4A DGD K . -5.88 -6.31 -10.22
C5A DGD K . -5.02 -6.89 -9.10
C6A DGD K . -3.73 -6.13 -8.71
C7A DGD K . -3.81 -4.61 -8.69
C8A DGD K . -3.25 -3.99 -7.37
C9A DGD K . -3.68 -2.49 -7.26
CAA DGD K . -4.95 -2.26 -6.44
CBA DGD K . -4.80 -1.17 -5.33
CCA DGD K . -3.50 -0.28 -5.39
CDA DGD K . -2.53 -0.68 -4.25
CEA DGD K . -1.37 0.24 -4.08
CFA DGD K . -1.54 1.38 -3.04
CGA DGD K . -0.11 1.93 -2.67
CHA DGD K . -0.09 2.76 -1.36
CIA DGD K . -0.77 2.05 -0.16
O1A DGD K . -9.03 -6.75 -11.82
C1B DGD K . -11.45 -3.43 -14.73
C2B DGD K . -11.95 -2.54 -15.89
C3B DGD K . -13.12 -1.66 -15.48
C4B DGD K . -13.67 -0.80 -16.62
C5B DGD K . -14.66 0.26 -16.11
C6B DGD K . -15.86 -0.34 -15.32
C7B DGD K . -16.28 0.56 -14.17
C8B DGD K . -15.10 0.95 -13.27
C9B DGD K . -15.48 2.15 -12.38
CAB DGD K . -14.65 2.24 -11.06
CBB DGD K . -15.03 3.44 -10.24
CCB DGD K . -14.22 4.69 -10.51
CDB DGD K . -12.71 4.49 -10.39
CEB DGD K . -12.07 4.18 -11.77
CFB DGD K . -10.94 3.19 -11.52
CGB DGD K . -10.68 2.30 -12.62
CHB DGD K . -11.51 1.05 -12.55
CIB DGD K . -10.96 0.09 -13.60
O1B DGD K . -11.28 -2.94 -13.60
O1G DGD K . -8.92 -4.74 -12.93
C1G DGD K . -9.36 -5.31 -14.15
C2G DGD K . -10.87 -5.56 -13.96
O2G DGD K . -11.69 -4.74 -14.82
C3G DGD K . -11.19 -7.03 -14.28
O3G DGD K . -10.72 -7.27 -15.63
C1D DGD K . -11.76 -7.59 -16.56
C2D DGD K . -11.07 -7.58 -17.94
O2D DGD K . -10.57 -6.27 -18.22
C3D DGD K . -12.12 -7.99 -18.99
O3D DGD K . -11.51 -8.05 -20.27
C4D DGD K . -12.70 -9.36 -18.63
O4D DGD K . -11.71 -10.37 -18.82
C5D DGD K . -13.16 -9.36 -17.15
O5D DGD K . -14.86 -10.95 -17.50
C6D DGD K . -13.65 -10.74 -16.80
O6D DGD K . -12.12 -9.00 -16.27
C1E DGD K . -14.75 -12.14 -18.31
C2E DGD K . -15.92 -12.18 -19.31
O2E DGD K . -15.92 -10.97 -20.10
C3E DGD K . -17.25 -12.22 -18.54
O3E DGD K . -18.32 -12.50 -19.44
C4E DGD K . -17.22 -13.23 -17.34
O4E DGD K . -17.35 -14.58 -17.82
C5E DGD K . -15.91 -13.09 -16.54
O6E DGD K . -14.77 -13.25 -17.40
C6E DGD K . -15.86 -14.10 -15.40
O5E DGD K . -14.71 -13.94 -14.57
MG MG L . 10.47 -11.41 -4.98
#